data_4V2B
#
_entry.id   4V2B
#
_cell.length_a   70.110
_cell.length_b   70.110
_cell.length_c   214.010
_cell.angle_alpha   90.00
_cell.angle_beta   90.00
_cell.angle_gamma   120.00
#
_symmetry.space_group_name_H-M   'P 65 2 2'
#
loop_
_entity.id
_entity.type
_entity.pdbx_description
1 polymer 'PROTEIN UNC5D'
2 water water
#
_entity_poly.entity_id   1
_entity_poly.type   'polypeptide(L)'
_entity_poly.pdbx_seq_one_letter_code
;MGTGAADRSRGARWWLPWLGLCFWAAGAEAARGADSGEVLPDSIPSAPGTLPHFIEEPEDAYIIKSNPIALRCKARPAMQ
IFFKCNGEWVHQNEHVSEESLDESSGLKVREVFINVTRQQVEDFHGPEDYWCQCVAWSHLGTSKSRKASVRIAYLRKNFE
Q
;
_entity_poly.pdbx_strand_id   A,B
#
# COMPACT_ATOMS: atom_id res chain seq x y z
N ALA A 47 -3.69 -12.22 -10.39
CA ALA A 47 -4.86 -12.82 -11.03
C ALA A 47 -5.69 -13.66 -10.01
N PRO A 48 -7.05 -13.59 -10.00
CA PRO A 48 -7.93 -12.82 -10.90
C PRO A 48 -8.04 -11.32 -10.61
N GLY A 49 -7.91 -10.95 -9.33
CA GLY A 49 -7.99 -9.56 -8.88
C GLY A 49 -6.71 -8.78 -9.15
N THR A 50 -6.84 -7.45 -9.17
CA THR A 50 -5.73 -6.52 -9.41
C THR A 50 -5.83 -5.30 -8.47
N LEU A 51 -4.67 -4.83 -7.98
CA LEU A 51 -4.54 -3.66 -7.11
C LEU A 51 -4.77 -2.37 -7.95
N PRO A 52 -5.12 -1.21 -7.33
CA PRO A 52 -5.39 -0.01 -8.17
C PRO A 52 -4.18 0.52 -8.94
N HIS A 53 -4.35 0.63 -10.27
CA HIS A 53 -3.33 1.14 -11.19
C HIS A 53 -3.65 2.59 -11.49
N PHE A 54 -2.72 3.50 -11.19
CA PHE A 54 -2.89 4.94 -11.42
C PHE A 54 -2.83 5.31 -12.91
N ILE A 55 -3.95 5.87 -13.42
CA ILE A 55 -4.06 6.36 -14.80
C ILE A 55 -3.40 7.74 -14.82
N GLU A 56 -3.73 8.57 -13.82
CA GLU A 56 -3.17 9.90 -13.63
C GLU A 56 -2.68 10.08 -12.20
N GLU A 57 -1.40 10.44 -12.04
CA GLU A 57 -0.74 10.65 -10.75
C GLU A 57 -0.63 12.16 -10.44
N PRO A 58 -0.64 12.58 -9.15
CA PRO A 58 -0.52 14.03 -8.86
C PRO A 58 0.83 14.61 -9.30
N GLU A 59 0.77 15.73 -10.04
CA GLU A 59 1.95 16.41 -10.56
C GLU A 59 2.39 17.55 -9.63
N ASP A 60 3.68 17.93 -9.70
CA ASP A 60 4.24 19.03 -8.91
C ASP A 60 3.63 20.35 -9.39
N ALA A 61 3.00 21.10 -8.47
CA ALA A 61 2.32 22.36 -8.77
C ALA A 61 2.95 23.57 -8.06
N TYR A 62 2.68 24.78 -8.58
CA TYR A 62 3.21 26.04 -8.05
C TYR A 62 2.10 27.08 -7.95
N ILE A 63 1.98 27.76 -6.79
CA ILE A 63 0.97 28.79 -6.54
C ILE A 63 1.48 30.16 -7.03
N ILE A 64 0.83 30.68 -8.09
CA ILE A 64 1.16 31.96 -8.74
C ILE A 64 -0.11 32.69 -9.24
N LYS A 65 -0.63 33.71 -8.52
CA LYS A 65 -0.18 34.24 -7.22
C LYS A 65 -1.40 34.24 -6.30
N SER A 66 -1.31 33.52 -5.16
CA SER A 66 -2.39 33.34 -4.17
C SER A 66 -3.61 32.56 -4.74
N ASN A 67 -3.52 32.14 -6.02
CA ASN A 67 -4.53 31.37 -6.75
C ASN A 67 -4.40 29.88 -6.37
N PRO A 68 -5.51 29.21 -5.96
CA PRO A 68 -5.40 27.80 -5.55
C PRO A 68 -5.10 26.82 -6.69
N ILE A 69 -4.32 25.77 -6.38
CA ILE A 69 -3.94 24.71 -7.32
C ILE A 69 -4.78 23.46 -7.11
N ALA A 70 -5.00 22.67 -8.18
CA ALA A 70 -5.76 21.43 -8.12
C ALA A 70 -4.86 20.24 -8.39
N LEU A 71 -4.90 19.23 -7.50
CA LEU A 71 -4.11 18.00 -7.63
C LEU A 71 -4.96 16.86 -8.18
N ARG A 72 -4.72 16.52 -9.46
CA ARG A 72 -5.43 15.49 -10.21
C ARG A 72 -4.94 14.09 -9.80
N CYS A 73 -5.88 13.13 -9.68
CA CYS A 73 -5.60 11.74 -9.31
C CYS A 73 -6.68 10.82 -9.88
N LYS A 74 -6.26 9.77 -10.60
CA LYS A 74 -7.15 8.80 -11.24
C LYS A 74 -6.56 7.39 -11.15
N ALA A 75 -7.35 6.41 -10.65
CA ALA A 75 -6.92 5.02 -10.51
C ALA A 75 -8.00 3.99 -10.83
N ARG A 76 -7.59 2.83 -11.38
CA ARG A 76 -8.47 1.73 -11.75
C ARG A 76 -7.78 0.38 -11.48
N PRO A 77 -8.42 -0.56 -10.75
CA PRO A 77 -9.75 -0.48 -10.12
C PRO A 77 -9.71 0.14 -8.73
N ALA A 78 -10.54 1.18 -8.49
CA ALA A 78 -10.57 1.88 -7.21
C ALA A 78 -11.97 2.17 -6.71
N MET A 79 -12.21 1.91 -5.41
CA MET A 79 -13.48 2.18 -4.74
C MET A 79 -13.40 3.41 -3.84
N GLN A 80 -12.18 3.72 -3.35
CA GLN A 80 -11.89 4.89 -2.52
C GLN A 80 -10.52 5.45 -2.88
N ILE A 81 -10.43 6.79 -3.02
CA ILE A 81 -9.19 7.51 -3.32
C ILE A 81 -9.10 8.72 -2.38
N PHE A 82 -8.00 8.80 -1.61
CA PHE A 82 -7.79 9.88 -0.66
C PHE A 82 -6.36 10.41 -0.68
N PHE A 83 -6.22 11.72 -0.46
CA PHE A 83 -4.93 12.41 -0.41
C PHE A 83 -4.34 12.41 0.99
N LYS A 84 -3.01 12.28 1.07
CA LYS A 84 -2.23 12.26 2.31
C LYS A 84 -1.15 13.33 2.19
N CYS A 85 -1.42 14.54 2.71
CA CYS A 85 -0.50 15.66 2.64
C CYS A 85 0.33 15.80 3.92
N ASN A 86 1.67 15.67 3.78
CA ASN A 86 2.68 15.78 4.83
C ASN A 86 2.51 14.77 5.99
N GLY A 87 2.15 13.53 5.63
CA GLY A 87 1.96 12.44 6.58
C GLY A 87 0.59 12.36 7.23
N GLU A 88 -0.21 13.44 7.11
CA GLU A 88 -1.57 13.53 7.67
C GLU A 88 -2.62 13.40 6.58
N TRP A 89 -3.72 12.67 6.88
CA TRP A 89 -4.83 12.46 5.96
C TRP A 89 -5.63 13.74 5.75
N VAL A 90 -5.94 14.06 4.49
CA VAL A 90 -6.73 15.24 4.13
C VAL A 90 -8.20 14.94 4.40
N HIS A 91 -8.93 15.92 4.96
CA HIS A 91 -10.35 15.84 5.30
C HIS A 91 -11.21 15.46 4.10
N GLN A 92 -12.21 14.56 4.34
CA GLN A 92 -13.14 14.03 3.33
C GLN A 92 -13.93 15.09 2.55
N ASN A 93 -14.26 16.22 3.19
CA ASN A 93 -15.00 17.32 2.55
C ASN A 93 -14.15 18.13 1.56
N GLU A 94 -12.81 18.03 1.66
CA GLU A 94 -11.87 18.72 0.75
C GLU A 94 -11.68 17.93 -0.57
N HIS A 95 -12.12 16.66 -0.60
CA HIS A 95 -12.03 15.78 -1.75
C HIS A 95 -13.27 15.88 -2.64
N VAL A 96 -13.06 15.96 -3.96
CA VAL A 96 -14.13 16.03 -4.97
C VAL A 96 -14.00 14.78 -5.85
N SER A 97 -14.83 13.76 -5.56
CA SER A 97 -14.83 12.47 -6.26
C SER A 97 -15.66 12.46 -7.54
N GLU A 98 -15.24 11.64 -8.51
CA GLU A 98 -15.89 11.45 -9.81
C GLU A 98 -15.73 9.98 -10.20
N GLU A 99 -16.77 9.18 -9.92
CA GLU A 99 -16.80 7.73 -10.18
C GLU A 99 -17.43 7.39 -11.54
N SER A 100 -16.81 6.44 -12.27
CA SER A 100 -17.26 5.99 -13.59
C SER A 100 -16.98 4.49 -13.82
N LEU A 101 -17.63 3.89 -14.83
CA LEU A 101 -17.47 2.48 -15.20
C LEU A 101 -16.93 2.33 -16.62
N ASP A 102 -16.00 1.37 -16.83
CA ASP A 102 -15.39 1.10 -18.12
C ASP A 102 -15.63 -0.35 -18.56
N LEU A 107 -14.99 -2.99 -14.02
CA LEU A 107 -14.22 -2.39 -12.94
C LEU A 107 -14.59 -0.91 -12.72
N LYS A 108 -14.41 -0.42 -11.48
CA LYS A 108 -14.72 0.96 -11.12
C LYS A 108 -13.55 1.92 -11.23
N VAL A 109 -13.73 3.01 -11.99
CA VAL A 109 -12.74 4.08 -12.20
C VAL A 109 -13.15 5.27 -11.32
N ARG A 110 -12.19 5.78 -10.53
CA ARG A 110 -12.43 6.91 -9.64
C ARG A 110 -11.42 8.04 -9.90
N GLU A 111 -11.88 9.29 -9.85
CA GLU A 111 -11.06 10.49 -10.06
C GLU A 111 -11.33 11.49 -8.94
N VAL A 112 -10.27 11.86 -8.18
CA VAL A 112 -10.37 12.77 -7.03
C VAL A 112 -9.45 14.00 -7.19
N PHE A 113 -10.00 15.20 -6.91
CA PHE A 113 -9.30 16.48 -6.98
C PHE A 113 -9.34 17.19 -5.62
N ILE A 114 -8.21 17.77 -5.19
CA ILE A 114 -8.08 18.55 -3.94
C ILE A 114 -7.50 19.94 -4.20
N ASN A 115 -7.96 20.95 -3.43
CA ASN A 115 -7.50 22.33 -3.57
C ASN A 115 -6.49 22.69 -2.48
N VAL A 116 -5.29 23.14 -2.89
CA VAL A 116 -4.23 23.56 -1.98
C VAL A 116 -3.97 25.05 -2.20
N THR A 117 -4.32 25.87 -1.20
CA THR A 117 -4.17 27.33 -1.23
C THR A 117 -2.79 27.78 -0.74
N ARG A 118 -2.47 29.08 -0.93
CA ARG A 118 -1.20 29.70 -0.49
C ARG A 118 -1.13 29.71 1.05
N GLN A 119 -2.29 29.91 1.71
CA GLN A 119 -2.45 29.94 3.18
C GLN A 119 -2.09 28.58 3.80
N GLN A 120 -2.40 27.48 3.12
CA GLN A 120 -2.13 26.11 3.57
C GLN A 120 -0.62 25.81 3.59
N VAL A 121 0.10 26.23 2.53
CA VAL A 121 1.54 26.01 2.35
C VAL A 121 2.37 26.87 3.33
N GLU A 122 2.06 28.18 3.44
CA GLU A 122 2.78 29.11 4.32
C GLU A 122 2.66 28.78 5.83
N ASP A 123 1.54 28.18 6.25
CA ASP A 123 1.28 27.78 7.64
C ASP A 123 2.11 26.55 8.03
N PHE A 124 2.51 25.73 7.05
CA PHE A 124 3.32 24.53 7.26
C PHE A 124 4.80 24.91 7.30
N HIS A 125 5.46 24.67 8.45
CA HIS A 125 6.86 24.98 8.67
C HIS A 125 7.68 23.71 9.01
N GLY A 126 7.59 22.72 8.13
CA GLY A 126 8.29 21.45 8.27
C GLY A 126 9.73 21.49 7.79
N PRO A 127 10.46 20.33 7.82
CA PRO A 127 11.86 20.35 7.36
C PRO A 127 12.00 20.45 5.83
N GLU A 128 11.21 19.66 5.08
CA GLU A 128 11.21 19.66 3.62
C GLU A 128 9.99 20.41 3.03
N ASP A 129 9.87 20.43 1.69
CA ASP A 129 8.78 21.10 0.98
C ASP A 129 7.42 20.42 1.21
N TYR A 130 6.33 21.20 1.08
CA TYR A 130 4.94 20.75 1.23
C TYR A 130 4.63 19.72 0.15
N TRP A 131 4.30 18.48 0.55
CA TRP A 131 4.00 17.39 -0.38
C TRP A 131 2.63 16.76 -0.16
N CYS A 132 2.08 16.14 -1.22
CA CYS A 132 0.79 15.45 -1.22
C CYS A 132 0.89 14.14 -2.00
N GLN A 133 0.46 13.03 -1.37
CA GLN A 133 0.47 11.69 -1.96
C GLN A 133 -0.96 11.18 -2.12
N CYS A 134 -1.21 10.39 -3.18
CA CYS A 134 -2.52 9.83 -3.48
C CYS A 134 -2.58 8.33 -3.14
N VAL A 135 -3.53 7.93 -2.28
CA VAL A 135 -3.73 6.54 -1.85
C VAL A 135 -5.07 6.02 -2.39
N ALA A 136 -5.03 4.95 -3.19
CA ALA A 136 -6.22 4.33 -3.79
C ALA A 136 -6.53 2.96 -3.18
N TRP A 137 -7.80 2.73 -2.81
CA TRP A 137 -8.29 1.50 -2.20
C TRP A 137 -8.97 0.56 -3.17
N SER A 138 -8.84 -0.75 -2.91
CA SER A 138 -9.45 -1.85 -3.66
C SER A 138 -9.80 -2.97 -2.67
N HIS A 139 -10.40 -4.06 -3.15
CA HIS A 139 -10.77 -5.21 -2.31
C HIS A 139 -9.54 -5.97 -1.80
N LEU A 140 -8.49 -6.03 -2.63
CA LEU A 140 -7.22 -6.71 -2.30
C LEU A 140 -6.26 -5.88 -1.45
N GLY A 141 -6.44 -4.55 -1.46
CA GLY A 141 -5.61 -3.64 -0.68
C GLY A 141 -5.49 -2.23 -1.20
N THR A 142 -4.33 -1.60 -0.92
CA THR A 142 -4.05 -0.22 -1.30
C THR A 142 -2.91 -0.07 -2.31
N SER A 143 -2.82 1.12 -2.92
CA SER A 143 -1.76 1.48 -3.85
C SER A 143 -1.46 2.97 -3.71
N LYS A 144 -0.18 3.30 -3.46
CA LYS A 144 0.28 4.68 -3.27
C LYS A 144 0.95 5.22 -4.53
N SER A 145 0.63 6.47 -4.88
CA SER A 145 1.20 7.15 -6.04
C SER A 145 2.47 7.90 -5.64
N ARG A 146 3.02 8.73 -6.54
CA ARG A 146 4.20 9.54 -6.27
C ARG A 146 3.83 10.72 -5.36
N LYS A 147 4.81 11.24 -4.62
CA LYS A 147 4.60 12.38 -3.72
C LYS A 147 4.80 13.68 -4.52
N ALA A 148 3.71 14.44 -4.73
CA ALA A 148 3.73 15.69 -5.49
C ALA A 148 3.98 16.89 -4.58
N SER A 149 5.04 17.66 -4.89
CA SER A 149 5.44 18.84 -4.12
C SER A 149 4.77 20.11 -4.61
N VAL A 150 4.33 20.96 -3.67
CA VAL A 150 3.71 22.24 -3.98
C VAL A 150 4.37 23.40 -3.21
N ARG A 151 5.01 24.31 -3.96
CA ARG A 151 5.73 25.47 -3.42
C ARG A 151 5.22 26.78 -4.01
N ILE A 152 5.17 27.84 -3.19
CA ILE A 152 4.71 29.18 -3.60
C ILE A 152 5.80 29.84 -4.45
N ALA A 153 5.45 30.22 -5.69
CA ALA A 153 6.36 30.87 -6.63
C ALA A 153 6.04 32.36 -6.80
N TYR A 154 7.01 33.13 -7.34
CA TYR A 154 6.87 34.58 -7.57
C TYR A 154 7.31 34.93 -8.99
N LEU A 155 6.42 35.58 -9.75
CA LEU A 155 6.68 35.99 -11.14
C LEU A 155 7.58 37.22 -11.23
N ARG A 156 8.41 37.28 -12.28
CA ARG A 156 9.35 38.37 -12.55
C ARG A 156 8.60 39.62 -13.03
N THR B 50 16.61 -6.88 -11.50
CA THR B 50 17.14 -7.75 -10.44
C THR B 50 16.04 -8.58 -9.72
N LEU B 51 16.47 -9.58 -8.94
CA LEU B 51 15.57 -10.45 -8.16
C LEU B 51 15.00 -9.68 -6.95
N PRO B 52 13.84 -10.09 -6.35
CA PRO B 52 13.34 -9.33 -5.19
C PRO B 52 14.14 -9.59 -3.93
N HIS B 53 14.41 -8.53 -3.15
CA HIS B 53 15.09 -8.60 -1.86
C HIS B 53 14.05 -8.23 -0.83
N PHE B 54 14.00 -8.96 0.28
CA PHE B 54 13.03 -8.68 1.33
C PHE B 54 13.49 -7.60 2.29
N ILE B 55 12.65 -6.58 2.44
CA ILE B 55 12.84 -5.48 3.40
C ILE B 55 12.32 -6.02 4.73
N GLU B 56 11.18 -6.72 4.69
CA GLU B 56 10.56 -7.34 5.85
C GLU B 56 10.14 -8.77 5.51
N GLU B 57 10.66 -9.72 6.29
CA GLU B 57 10.36 -11.16 6.17
C GLU B 57 9.38 -11.52 7.30
N PRO B 58 8.49 -12.54 7.12
CA PRO B 58 7.57 -12.87 8.23
C PRO B 58 8.29 -13.40 9.47
N GLU B 59 7.87 -12.91 10.64
CA GLU B 59 8.44 -13.26 11.94
C GLU B 59 7.64 -14.40 12.59
N ASP B 60 8.28 -15.18 13.49
CA ASP B 60 7.64 -16.26 14.24
C ASP B 60 6.63 -15.64 15.21
N ALA B 61 5.36 -16.06 15.10
CA ALA B 61 4.28 -15.49 15.91
C ALA B 61 3.64 -16.47 16.89
N TYR B 62 3.08 -15.91 17.97
CA TYR B 62 2.43 -16.67 19.04
C TYR B 62 1.02 -16.14 19.28
N ILE B 63 0.03 -17.05 19.31
CA ILE B 63 -1.37 -16.70 19.55
C ILE B 63 -1.68 -16.88 21.03
N ILE B 64 -1.87 -15.76 21.74
CA ILE B 64 -2.17 -15.70 23.17
C ILE B 64 -3.53 -15.02 23.36
N LYS B 65 -4.44 -15.68 24.11
CA LYS B 65 -5.82 -15.24 24.40
C LYS B 65 -6.73 -15.16 23.15
N SER B 66 -6.46 -16.04 22.16
CA SER B 66 -7.19 -16.23 20.90
C SER B 66 -7.17 -15.13 19.83
N ASN B 67 -6.60 -13.95 20.13
CA ASN B 67 -6.51 -12.85 19.16
C ASN B 67 -5.74 -13.27 17.90
N PRO B 68 -6.34 -13.19 16.69
CA PRO B 68 -5.63 -13.64 15.48
C PRO B 68 -4.40 -12.80 15.14
N ILE B 69 -3.26 -13.47 14.92
CA ILE B 69 -1.99 -12.82 14.58
C ILE B 69 -1.94 -12.45 13.10
N ALA B 70 -1.01 -11.56 12.74
CA ALA B 70 -0.77 -11.14 11.37
C ALA B 70 0.69 -11.36 11.00
N LEU B 71 0.94 -11.86 9.78
CA LEU B 71 2.30 -12.09 9.26
C LEU B 71 2.57 -11.04 8.20
N ARG B 72 3.70 -10.32 8.34
CA ARG B 72 4.11 -9.21 7.47
C ARG B 72 5.20 -9.63 6.47
N CYS B 73 5.10 -9.12 5.24
CA CYS B 73 6.07 -9.37 4.18
C CYS B 73 6.21 -8.15 3.27
N LYS B 74 7.46 -7.72 3.01
CA LYS B 74 7.77 -6.56 2.17
C LYS B 74 9.00 -6.86 1.29
N ALA B 75 8.85 -6.75 -0.05
CA ALA B 75 9.92 -7.01 -1.00
C ALA B 75 10.01 -5.98 -2.13
N ARG B 76 11.24 -5.73 -2.62
CA ARG B 76 11.56 -4.78 -3.69
C ARG B 76 12.72 -5.33 -4.55
N PRO B 77 12.59 -5.41 -5.90
CA PRO B 77 11.42 -5.09 -6.72
C PRO B 77 10.38 -6.22 -6.76
N ALA B 78 9.10 -5.87 -6.57
CA ALA B 78 8.02 -6.86 -6.57
C ALA B 78 6.75 -6.39 -7.27
N MET B 79 6.26 -7.22 -8.20
CA MET B 79 5.02 -6.98 -8.96
C MET B 79 3.86 -7.79 -8.34
N GLN B 80 4.19 -8.95 -7.74
CA GLN B 80 3.26 -9.86 -7.09
C GLN B 80 3.91 -10.56 -5.91
N ILE B 81 3.18 -10.67 -4.80
CA ILE B 81 3.61 -11.34 -3.57
C ILE B 81 2.47 -12.23 -3.06
N PHE B 82 2.76 -13.52 -2.83
CA PHE B 82 1.80 -14.49 -2.32
C PHE B 82 2.37 -15.28 -1.15
N PHE B 83 1.50 -15.60 -0.17
CA PHE B 83 1.87 -16.40 0.99
C PHE B 83 1.55 -17.86 0.71
N LYS B 84 2.41 -18.76 1.22
CA LYS B 84 2.27 -20.20 1.11
C LYS B 84 2.35 -20.74 2.53
N CYS B 85 1.24 -21.32 3.03
CA CYS B 85 1.20 -21.86 4.37
C CYS B 85 1.11 -23.39 4.33
N ASN B 86 2.09 -24.06 4.98
CA ASN B 86 2.20 -25.52 5.08
C ASN B 86 2.23 -26.24 3.72
N GLY B 87 3.01 -25.67 2.79
CA GLY B 87 3.17 -26.20 1.43
C GLY B 87 1.96 -26.02 0.53
N GLU B 88 1.07 -25.08 0.90
CA GLU B 88 -0.15 -24.78 0.15
C GLU B 88 -0.33 -23.27 0.03
N TRP B 89 -0.64 -22.79 -1.18
CA TRP B 89 -0.84 -21.37 -1.48
C TRP B 89 -2.08 -20.80 -0.80
N VAL B 90 -1.92 -19.65 -0.13
CA VAL B 90 -3.01 -18.92 0.54
C VAL B 90 -3.82 -18.20 -0.55
N HIS B 91 -5.16 -18.21 -0.41
CA HIS B 91 -6.10 -17.57 -1.34
C HIS B 91 -5.85 -16.06 -1.42
N GLN B 92 -5.97 -15.48 -2.62
CA GLN B 92 -5.76 -14.05 -2.90
C GLN B 92 -6.63 -13.13 -2.03
N ASN B 93 -7.87 -13.56 -1.73
CA ASN B 93 -8.84 -12.83 -0.91
C ASN B 93 -8.38 -12.66 0.53
N GLU B 94 -7.55 -13.58 1.04
CA GLU B 94 -6.99 -13.54 2.38
C GLU B 94 -5.79 -12.59 2.51
N HIS B 95 -5.23 -12.14 1.36
CA HIS B 95 -4.08 -11.22 1.31
C HIS B 95 -4.51 -9.75 1.32
N VAL B 96 -3.84 -8.94 2.16
CA VAL B 96 -4.06 -7.49 2.23
C VAL B 96 -2.76 -6.87 1.68
N SER B 97 -2.80 -6.38 0.44
CA SER B 97 -1.64 -5.84 -0.28
C SER B 97 -1.49 -4.32 -0.28
N GLU B 98 -0.25 -3.85 -0.46
CA GLU B 98 0.14 -2.44 -0.51
C GLU B 98 1.23 -2.27 -1.59
N GLU B 99 0.90 -1.55 -2.68
CA GLU B 99 1.84 -1.30 -3.77
C GLU B 99 2.25 0.18 -3.75
N SER B 100 3.54 0.45 -3.50
CA SER B 100 4.04 1.81 -3.45
C SER B 100 5.32 1.99 -4.26
N LEU B 101 5.44 3.12 -4.95
CA LEU B 101 6.63 3.46 -5.73
C LEU B 101 7.69 3.97 -4.76
N ASP B 102 8.88 3.35 -4.80
CA ASP B 102 10.00 3.69 -3.92
C ASP B 102 10.48 5.12 -4.16
N GLU B 103 10.67 5.89 -3.08
CA GLU B 103 11.14 7.28 -3.14
C GLU B 103 12.58 7.34 -3.67
N SER B 104 13.34 6.23 -3.48
CA SER B 104 14.72 6.10 -3.93
C SER B 104 14.79 5.85 -5.44
N SER B 105 14.37 4.67 -5.90
CA SER B 105 14.39 4.29 -7.31
C SER B 105 12.98 4.07 -7.86
N GLY B 106 12.83 4.11 -9.19
CA GLY B 106 11.55 3.90 -9.87
C GLY B 106 10.96 2.51 -9.72
N LEU B 107 11.61 1.65 -8.92
CA LEU B 107 11.23 0.27 -8.62
C LEU B 107 10.00 0.21 -7.72
N LYS B 108 9.08 -0.71 -8.00
CA LYS B 108 7.84 -0.89 -7.22
C LYS B 108 8.06 -1.74 -5.98
N VAL B 109 7.61 -1.24 -4.83
CA VAL B 109 7.69 -1.90 -3.52
C VAL B 109 6.31 -2.48 -3.17
N ARG B 110 6.26 -3.77 -2.80
CA ARG B 110 5.03 -4.45 -2.43
C ARG B 110 5.07 -4.97 -0.98
N GLU B 111 4.02 -4.67 -0.20
CA GLU B 111 3.86 -5.09 1.19
C GLU B 111 2.56 -5.88 1.32
N VAL B 112 2.63 -7.11 1.86
CA VAL B 112 1.46 -7.98 2.02
C VAL B 112 1.35 -8.52 3.45
N PHE B 113 0.10 -8.59 3.96
CA PHE B 113 -0.27 -9.10 5.28
C PHE B 113 -1.32 -10.20 5.16
N ILE B 114 -1.20 -11.26 5.98
CA ILE B 114 -2.18 -12.35 6.07
C ILE B 114 -2.50 -12.60 7.53
N ASN B 115 -3.77 -12.90 7.84
CA ASN B 115 -4.18 -13.19 9.20
C ASN B 115 -4.22 -14.69 9.42
N VAL B 116 -3.71 -15.14 10.59
CA VAL B 116 -3.71 -16.55 10.99
C VAL B 116 -4.44 -16.65 12.33
N THR B 117 -5.58 -17.36 12.34
CA THR B 117 -6.44 -17.55 13.53
C THR B 117 -6.00 -18.74 14.38
N ARG B 118 -6.51 -18.82 15.63
CA ARG B 118 -6.27 -19.90 16.57
C ARG B 118 -6.88 -21.20 16.02
N GLN B 119 -8.03 -21.09 15.32
CA GLN B 119 -8.75 -22.21 14.69
C GLN B 119 -7.92 -22.85 13.57
N GLN B 120 -7.26 -22.03 12.71
CA GLN B 120 -6.41 -22.53 11.62
C GLN B 120 -5.26 -23.39 12.12
N VAL B 121 -4.64 -22.98 13.25
CA VAL B 121 -3.51 -23.67 13.88
C VAL B 121 -3.95 -24.99 14.54
N GLU B 122 -5.05 -24.97 15.32
CA GLU B 122 -5.54 -26.20 15.95
C GLU B 122 -6.20 -27.21 14.99
N ASP B 123 -6.65 -26.74 13.79
CA ASP B 123 -7.25 -27.58 12.75
C ASP B 123 -6.18 -28.27 11.91
N PHE B 124 -4.97 -27.68 11.84
CA PHE B 124 -3.85 -28.23 11.09
C PHE B 124 -3.17 -29.36 11.88
N HIS B 125 -3.13 -30.56 11.28
CA HIS B 125 -2.53 -31.74 11.92
C HIS B 125 -1.36 -32.28 11.07
N GLY B 126 -0.22 -31.60 11.17
CA GLY B 126 0.99 -31.95 10.44
C GLY B 126 2.12 -32.37 11.36
N PRO B 127 3.19 -33.01 10.81
CA PRO B 127 4.33 -33.44 11.66
C PRO B 127 5.09 -32.28 12.30
N GLU B 128 5.13 -31.11 11.63
CA GLU B 128 5.81 -29.92 12.11
C GLU B 128 4.83 -28.78 12.42
N ASP B 129 5.30 -27.74 13.15
CA ASP B 129 4.50 -26.57 13.53
C ASP B 129 3.97 -25.83 12.30
N TYR B 130 2.78 -25.19 12.44
CA TYR B 130 2.13 -24.41 11.40
C TYR B 130 3.13 -23.34 10.91
N TRP B 131 3.42 -23.34 9.60
CA TRP B 131 4.38 -22.40 9.02
C TRP B 131 3.85 -21.71 7.79
N CYS B 132 4.31 -20.48 7.54
CA CYS B 132 3.96 -19.68 6.39
C CYS B 132 5.21 -19.06 5.77
N GLN B 133 5.32 -19.16 4.45
CA GLN B 133 6.43 -18.64 3.68
C GLN B 133 5.93 -17.62 2.68
N CYS B 134 6.67 -16.52 2.52
CA CYS B 134 6.35 -15.46 1.59
C CYS B 134 7.18 -15.59 0.31
N VAL B 135 6.51 -15.56 -0.86
CA VAL B 135 7.16 -15.69 -2.18
C VAL B 135 6.93 -14.40 -2.98
N ALA B 136 8.02 -13.76 -3.44
CA ALA B 136 7.96 -12.52 -4.22
C ALA B 136 8.27 -12.75 -5.69
N TRP B 137 7.62 -11.99 -6.58
CA TRP B 137 7.79 -12.08 -8.03
C TRP B 137 8.36 -10.80 -8.64
N SER B 138 9.39 -10.96 -9.48
CA SER B 138 10.06 -9.87 -10.20
C SER B 138 9.88 -10.09 -11.71
N HIS B 139 10.26 -9.08 -12.53
CA HIS B 139 10.18 -9.14 -13.99
C HIS B 139 11.04 -10.26 -14.59
N LEU B 140 12.11 -10.68 -13.88
CA LEU B 140 13.05 -11.71 -14.33
C LEU B 140 13.11 -13.01 -13.49
N GLY B 141 12.62 -12.98 -12.25
CA GLY B 141 12.64 -14.16 -11.39
C GLY B 141 11.83 -14.09 -10.12
N THR B 142 12.07 -15.09 -9.22
CA THR B 142 11.38 -15.25 -7.93
C THR B 142 12.36 -15.31 -6.74
N SER B 143 11.85 -15.04 -5.53
CA SER B 143 12.59 -15.12 -4.28
C SER B 143 11.67 -15.54 -3.13
N LYS B 144 12.12 -16.53 -2.34
CA LYS B 144 11.36 -17.05 -1.21
C LYS B 144 11.96 -16.59 0.10
N SER B 145 11.09 -16.15 1.04
CA SER B 145 11.52 -15.69 2.36
C SER B 145 11.72 -16.87 3.30
N ARG B 146 12.06 -16.60 4.57
CA ARG B 146 12.22 -17.64 5.58
C ARG B 146 10.85 -18.20 6.00
N LYS B 147 10.83 -19.45 6.48
CA LYS B 147 9.61 -20.10 6.95
C LYS B 147 9.31 -19.57 8.36
N ALA B 148 8.20 -18.86 8.51
CA ALA B 148 7.79 -18.29 9.81
C ALA B 148 6.80 -19.22 10.50
N SER B 149 7.15 -19.66 11.71
CA SER B 149 6.32 -20.57 12.52
C SER B 149 5.26 -19.83 13.33
N VAL B 150 4.07 -20.42 13.42
CA VAL B 150 2.96 -19.88 14.22
C VAL B 150 2.37 -20.96 15.13
N ARG B 151 2.61 -20.76 16.45
CA ARG B 151 2.23 -21.70 17.51
C ARG B 151 1.33 -21.04 18.54
N ILE B 152 0.39 -21.83 19.10
CA ILE B 152 -0.52 -21.38 20.15
C ILE B 152 0.22 -21.42 21.50
N ALA B 153 0.07 -20.39 22.33
CA ALA B 153 0.70 -20.32 23.64
C ALA B 153 -0.33 -19.91 24.70
N TYR B 154 -0.43 -20.71 25.77
CA TYR B 154 -1.36 -20.50 26.89
C TYR B 154 -0.64 -19.85 28.08
N LEU B 155 -1.31 -18.90 28.77
CA LEU B 155 -0.75 -18.24 29.94
C LEU B 155 -1.01 -19.03 31.21
#